data_9QUP
#
_entry.id   9QUP
#
_cell.length_a   42.980
_cell.length_b   66.440
_cell.length_c   94.370
_cell.angle_alpha   90.00
_cell.angle_beta   90.00
_cell.angle_gamma   90.00
#
_symmetry.space_group_name_H-M   'P 21 21 21'
#
loop_
_entity.id
_entity.type
_entity.pdbx_description
1 polymer 'TFD-EE MPNN'
2 non-polymer 'TERBIUM(III) ION'
3 non-polymer 1,2-ETHANEDIOL
4 non-polymer GLYCEROL
5 non-polymer 'SODIUM ION'
6 water water
#
_entity_poly.entity_id   1
_entity_poly.type   'polypeptide(L)'
_entity_poly.pdbx_seq_one_letter_code
;MMTFIVWALNKDEMLKNIEALRKAGAKNIAVESGDFDILRAAIEAGVETIVVSGGGLTIVFTGADRAALRRAAKRLLDAA
LELGAVVTVALDGDALRVRITGVPEQDLERLRALARELAAEFGIEVEVRGGGTPERALREIQELRELGAKNIWVESANVD
WLLKLLKLS
;
_entity_poly.pdbx_strand_id   A,B
#
# COMPACT_ATOMS: atom_id res chain seq x y z
N MET A 2 12.08 16.51 -4.73
CA MET A 2 10.99 15.49 -4.57
C MET A 2 11.55 14.10 -4.86
N THR A 3 11.24 13.11 -4.02
CA THR A 3 11.62 11.68 -4.19
C THR A 3 10.42 10.92 -4.77
N PHE A 4 10.66 10.16 -5.83
CA PHE A 4 9.66 9.28 -6.52
C PHE A 4 9.85 7.85 -6.01
N ILE A 5 8.85 7.35 -5.27
CA ILE A 5 8.84 5.98 -4.68
C ILE A 5 8.07 5.04 -5.62
N VAL A 6 8.77 4.05 -6.18
CA VAL A 6 8.15 2.97 -7.00
C VAL A 6 7.74 1.84 -6.06
N TRP A 7 6.43 1.67 -5.85
CA TRP A 7 5.84 0.51 -5.13
C TRP A 7 5.85 -0.70 -6.07
N ALA A 8 6.36 -1.83 -5.60
CA ALA A 8 6.58 -3.05 -6.43
C ALA A 8 6.38 -4.32 -5.61
N LEU A 9 5.57 -5.26 -6.13
CA LEU A 9 5.54 -6.68 -5.70
C LEU A 9 5.96 -7.58 -6.87
N ASN A 10 6.50 -6.98 -7.95
CA ASN A 10 7.06 -7.68 -9.13
C ASN A 10 8.45 -7.08 -9.41
N LYS A 11 9.49 -7.93 -9.42
CA LYS A 11 10.91 -7.52 -9.62
C LYS A 11 11.09 -6.93 -11.03
N ASP A 12 10.52 -7.59 -12.04
CA ASP A 12 10.66 -7.21 -13.48
C ASP A 12 10.00 -5.85 -13.72
N GLU A 13 8.76 -5.66 -13.24
CA GLU A 13 8.01 -4.39 -13.36
C GLU A 13 8.80 -3.27 -12.69
N MET A 14 9.34 -3.53 -11.49
CA MET A 14 10.16 -2.58 -10.69
C MET A 14 11.32 -2.05 -11.53
N LEU A 15 12.09 -2.96 -12.15
CA LEU A 15 13.32 -2.62 -12.93
C LEU A 15 12.94 -1.80 -14.17
N LYS A 16 11.83 -2.15 -14.83
CA LYS A 16 11.28 -1.40 -15.99
C LYS A 16 10.87 0.00 -15.53
N ASN A 17 10.28 0.12 -14.34
CA ASN A 17 9.71 1.39 -13.80
C ASN A 17 10.83 2.36 -13.42
N ILE A 18 11.88 1.90 -12.74
CA ILE A 18 13.03 2.77 -12.35
C ILE A 18 13.74 3.25 -13.63
N GLU A 19 13.88 2.36 -14.63
CA GLU A 19 14.50 2.68 -15.95
C GLU A 19 13.76 3.85 -16.60
N ALA A 20 12.42 3.78 -16.63
CA ALA A 20 11.54 4.81 -17.22
C ALA A 20 11.75 6.15 -16.50
N LEU A 21 11.77 6.15 -15.17
CA LEU A 21 11.94 7.38 -14.34
C LEU A 21 13.36 7.92 -14.51
N ARG A 22 14.36 7.04 -14.65
CA ARG A 22 15.78 7.42 -14.86
C ARG A 22 15.90 8.14 -16.21
N LYS A 23 15.36 7.55 -17.28
CA LYS A 23 15.36 8.12 -18.65
C LYS A 23 14.61 9.46 -18.66
N ALA A 24 13.50 9.54 -17.93
CA ALA A 24 12.60 10.72 -17.88
C ALA A 24 13.27 11.88 -17.15
N GLY A 25 14.23 11.61 -16.27
CA GLY A 25 15.10 12.62 -15.63
C GLY A 25 14.83 12.78 -14.14
N ALA A 26 14.19 11.81 -13.49
CA ALA A 26 13.97 11.78 -12.03
C ALA A 26 15.34 11.63 -11.32
N LYS A 27 15.66 12.55 -10.42
CA LYS A 27 16.98 12.62 -9.73
C LYS A 27 16.98 11.73 -8.49
N ASN A 28 15.87 11.71 -7.75
CA ASN A 28 15.73 10.97 -6.46
C ASN A 28 14.67 9.87 -6.65
N ILE A 29 15.11 8.62 -6.77
CA ILE A 29 14.23 7.42 -6.97
C ILE A 29 14.41 6.48 -5.77
N ALA A 30 13.28 6.01 -5.21
CA ALA A 30 13.23 4.97 -4.14
C ALA A 30 12.39 3.79 -4.64
N VAL A 31 12.65 2.59 -4.10
CA VAL A 31 11.85 1.37 -4.37
C VAL A 31 11.28 0.87 -3.04
N GLU A 32 9.97 0.62 -3.02
CA GLU A 32 9.24 0.10 -1.84
C GLU A 32 8.75 -1.32 -2.12
N SER A 33 8.90 -2.21 -1.13
CA SER A 33 8.43 -3.63 -1.18
C SER A 33 8.54 -4.26 0.21
N GLY A 34 7.70 -5.26 0.49
CA GLY A 34 7.84 -6.19 1.62
C GLY A 34 8.68 -7.38 1.23
N ASP A 35 9.00 -7.52 -0.06
CA ASP A 35 9.81 -8.63 -0.64
C ASP A 35 11.27 -8.17 -0.68
N PHE A 36 12.13 -8.80 0.13
CA PHE A 36 13.56 -8.41 0.32
C PHE A 36 14.36 -8.70 -0.96
N ASP A 37 13.93 -9.69 -1.76
CA ASP A 37 14.58 -10.04 -3.05
C ASP A 37 14.36 -8.92 -4.08
N ILE A 38 13.19 -8.27 -4.07
CA ILE A 38 12.88 -7.10 -4.94
C ILE A 38 13.77 -5.93 -4.51
N LEU A 39 13.90 -5.69 -3.21
CA LEU A 39 14.75 -4.60 -2.63
C LEU A 39 16.22 -4.85 -3.01
N ARG A 40 16.67 -6.12 -2.96
CA ARG A 40 18.04 -6.53 -3.38
C ARG A 40 18.23 -6.18 -4.85
N ALA A 41 17.26 -6.55 -5.70
CA ALA A 41 17.29 -6.34 -7.17
C ALA A 41 17.34 -4.84 -7.48
N ALA A 42 16.63 -4.02 -6.69
CA ALA A 42 16.61 -2.54 -6.82
C ALA A 42 18.01 -1.99 -6.53
N ILE A 43 18.61 -2.41 -5.41
CA ILE A 43 19.95 -1.93 -4.95
C ILE A 43 21.02 -2.35 -5.96
N GLU A 44 20.93 -3.60 -6.47
CA GLU A 44 21.89 -4.15 -7.47
C GLU A 44 21.79 -3.38 -8.79
N ALA A 45 20.64 -2.76 -9.07
CA ALA A 45 20.38 -1.91 -10.26
C ALA A 45 20.83 -0.47 -10.00
N GLY A 46 21.22 -0.15 -8.76
CA GLY A 46 21.85 1.15 -8.40
C GLY A 46 20.95 2.06 -7.58
N VAL A 47 19.77 1.58 -7.16
CA VAL A 47 18.84 2.35 -6.27
C VAL A 47 19.48 2.42 -4.88
N GLU A 48 19.54 3.62 -4.30
CA GLU A 48 20.26 3.89 -3.01
C GLU A 48 19.27 4.25 -1.89
N THR A 49 17.98 4.44 -2.22
CA THR A 49 16.88 4.69 -1.25
C THR A 49 15.87 3.55 -1.35
N ILE A 50 15.59 2.90 -0.22
CA ILE A 50 14.68 1.72 -0.14
C ILE A 50 13.68 1.97 0.99
N VAL A 51 12.39 1.69 0.73
CA VAL A 51 11.31 1.64 1.74
C VAL A 51 11.03 0.16 2.05
N VAL A 52 11.32 -0.27 3.28
CA VAL A 52 10.95 -1.63 3.79
C VAL A 52 9.49 -1.56 4.27
N SER A 53 8.57 -2.16 3.52
CA SER A 53 7.18 -2.44 3.96
C SER A 53 7.23 -3.57 4.98
N GLY A 54 7.22 -3.24 6.27
CA GLY A 54 7.49 -4.18 7.38
C GLY A 54 6.31 -5.09 7.68
N GLY A 55 6.61 -6.33 8.07
CA GLY A 55 5.69 -7.22 8.81
C GLY A 55 4.64 -7.90 7.94
N GLY A 56 3.78 -8.70 8.57
CA GLY A 56 2.64 -9.38 7.93
C GLY A 56 3.09 -10.52 7.02
N LEU A 57 2.30 -10.80 5.98
CA LEU A 57 2.52 -11.90 5.00
C LEU A 57 2.55 -11.33 3.57
N THR A 58 3.28 -12.01 2.68
CA THR A 58 3.12 -11.89 1.20
C THR A 58 2.73 -13.28 0.67
N ILE A 59 1.49 -13.40 0.19
CA ILE A 59 0.90 -14.66 -0.35
C ILE A 59 0.81 -14.54 -1.87
N VAL A 60 1.42 -15.49 -2.59
CA VAL A 60 1.50 -15.52 -4.08
C VAL A 60 0.80 -16.80 -4.56
N PHE A 61 -0.37 -16.66 -5.19
CA PHE A 61 -1.14 -17.77 -5.81
C PHE A 61 -0.73 -17.90 -7.28
N THR A 62 -0.55 -19.15 -7.75
CA THR A 62 -0.05 -19.51 -9.10
C THR A 62 -0.70 -20.82 -9.55
N GLY A 63 -0.80 -21.03 -10.87
CA GLY A 63 -1.16 -22.33 -11.48
C GLY A 63 -2.66 -22.46 -11.76
N ALA A 64 -3.32 -21.36 -12.15
CA ALA A 64 -4.73 -21.34 -12.59
C ALA A 64 -5.05 -19.99 -13.26
N ASP A 65 -6.19 -19.93 -13.96
CA ASP A 65 -6.65 -18.73 -14.70
C ASP A 65 -6.91 -17.59 -13.73
N ARG A 66 -6.85 -16.35 -14.24
CA ARG A 66 -6.98 -15.08 -13.46
C ARG A 66 -8.33 -15.04 -12.73
N ALA A 67 -9.41 -15.49 -13.39
CA ALA A 67 -10.78 -15.54 -12.83
C ALA A 67 -10.77 -16.39 -11.55
N ALA A 68 -10.10 -17.55 -11.59
CA ALA A 68 -9.93 -18.48 -10.45
C ALA A 68 -9.09 -17.81 -9.35
N LEU A 69 -8.00 -17.15 -9.73
CA LEU A 69 -7.09 -16.43 -8.79
C LEU A 69 -7.86 -15.32 -8.08
N ARG A 70 -8.73 -14.63 -8.80
CA ARG A 70 -9.57 -13.56 -8.22
C ARG A 70 -10.51 -14.16 -7.15
N ARG A 71 -11.13 -15.30 -7.44
CA ARG A 71 -12.05 -15.95 -6.47
C ARG A 71 -11.27 -16.26 -5.18
N ALA A 72 -10.07 -16.82 -5.32
CA ALA A 72 -9.22 -17.12 -4.15
C ALA A 72 -8.92 -15.82 -3.39
N ALA A 73 -8.61 -14.75 -4.11
CA ALA A 73 -8.33 -13.43 -3.53
C ALA A 73 -9.53 -12.93 -2.70
N LYS A 74 -10.74 -13.13 -3.21
CA LYS A 74 -11.96 -12.69 -2.49
C LYS A 74 -12.13 -13.51 -1.21
N ARG A 75 -11.82 -14.79 -1.25
CA ARG A 75 -11.92 -15.65 -0.05
C ARG A 75 -10.93 -15.18 1.01
N LEU A 76 -9.68 -14.98 0.59
CA LEU A 76 -8.59 -14.56 1.49
C LEU A 76 -8.91 -13.17 2.06
N LEU A 77 -9.31 -12.25 1.19
CA LEU A 77 -9.66 -10.88 1.63
C LEU A 77 -10.74 -10.95 2.72
N ASP A 78 -11.79 -11.72 2.49
CA ASP A 78 -12.91 -11.83 3.45
C ASP A 78 -12.36 -12.17 4.84
N ALA A 79 -11.53 -13.20 4.93
CA ALA A 79 -10.97 -13.63 6.22
C ALA A 79 -10.09 -12.53 6.79
N ALA A 80 -9.22 -11.97 5.98
CA ALA A 80 -8.29 -10.94 6.48
C ALA A 80 -9.02 -9.70 7.01
N LEU A 81 -10.04 -9.26 6.29
CA LEU A 81 -10.76 -7.98 6.62
C LEU A 81 -11.43 -8.08 8.01
N GLU A 82 -12.02 -9.23 8.33
CA GLU A 82 -12.80 -9.42 9.59
C GLU A 82 -11.85 -9.55 10.79
N LEU A 83 -10.62 -10.00 10.56
CA LEU A 83 -9.54 -10.04 11.60
C LEU A 83 -8.94 -8.64 11.75
N GLY A 84 -9.28 -7.71 10.85
CA GLY A 84 -8.92 -6.29 10.93
C GLY A 84 -7.61 -5.98 10.22
N ALA A 85 -7.24 -6.79 9.22
CA ALA A 85 -5.99 -6.66 8.45
C ALA A 85 -6.16 -5.59 7.36
N VAL A 86 -5.05 -4.94 6.98
CA VAL A 86 -4.93 -4.13 5.73
C VAL A 86 -4.44 -5.10 4.63
N VAL A 87 -5.19 -5.21 3.53
CA VAL A 87 -4.94 -6.20 2.44
C VAL A 87 -4.71 -5.46 1.12
N THR A 88 -3.54 -5.64 0.52
CA THR A 88 -3.22 -5.17 -0.86
C THR A 88 -3.22 -6.39 -1.78
N VAL A 89 -3.94 -6.29 -2.89
CA VAL A 89 -4.07 -7.40 -3.87
C VAL A 89 -3.69 -6.87 -5.24
N ALA A 90 -2.85 -7.61 -5.94
CA ALA A 90 -2.50 -7.24 -7.31
C ALA A 90 -2.48 -8.51 -8.15
N LEU A 91 -3.12 -8.47 -9.32
CA LEU A 91 -3.14 -9.61 -10.26
C LEU A 91 -2.00 -9.30 -11.22
N ASP A 92 -1.00 -10.15 -11.23
CA ASP A 92 0.21 -9.83 -12.00
C ASP A 92 0.53 -10.92 -13.01
N GLY A 93 0.13 -10.72 -14.25
CA GLY A 93 0.44 -11.69 -15.29
C GLY A 93 -0.08 -13.04 -14.86
N ASP A 94 0.87 -13.93 -14.63
CA ASP A 94 0.71 -15.31 -14.14
C ASP A 94 0.16 -15.38 -12.70
N ALA A 95 0.65 -14.55 -11.79
CA ALA A 95 0.32 -14.72 -10.35
C ALA A 95 -0.56 -13.63 -9.72
N LEU A 96 -1.24 -14.01 -8.64
CA LEU A 96 -2.01 -13.08 -7.79
C LEU A 96 -1.18 -12.85 -6.52
N ARG A 97 -0.82 -11.61 -6.22
CA ARG A 97 -0.02 -11.29 -5.03
C ARG A 97 -0.91 -10.62 -3.98
N VAL A 98 -0.86 -11.13 -2.76
CA VAL A 98 -1.66 -10.59 -1.63
C VAL A 98 -0.71 -10.20 -0.50
N ARG A 99 -0.71 -8.92 -0.13
CA ARG A 99 0.05 -8.35 1.01
C ARG A 99 -0.92 -8.16 2.17
N ILE A 100 -0.64 -8.76 3.33
CA ILE A 100 -1.49 -8.70 4.56
C ILE A 100 -0.65 -8.13 5.70
N THR A 101 -1.13 -7.08 6.37
CA THR A 101 -0.46 -6.39 7.51
C THR A 101 -1.50 -5.92 8.53
N GLY A 102 -1.03 -5.60 9.75
CA GLY A 102 -1.81 -4.90 10.79
C GLY A 102 -2.38 -5.81 11.86
N VAL A 103 -2.01 -7.10 11.86
CA VAL A 103 -2.62 -8.13 12.75
C VAL A 103 -1.52 -8.92 13.45
N PRO A 104 -1.79 -9.46 14.68
CA PRO A 104 -0.82 -10.30 15.38
C PRO A 104 -0.64 -11.68 14.73
N GLU A 105 0.33 -12.44 15.23
CA GLU A 105 0.78 -13.75 14.67
C GLU A 105 -0.40 -14.73 14.57
N GLN A 106 -1.27 -14.77 15.60
CA GLN A 106 -2.46 -15.65 15.65
C GLN A 106 -3.24 -15.54 14.34
N ASP A 107 -3.49 -14.30 13.88
CA ASP A 107 -4.29 -14.00 12.66
C ASP A 107 -3.49 -14.36 11.41
N LEU A 108 -2.18 -14.08 11.39
CA LEU A 108 -1.29 -14.43 10.25
C LEU A 108 -1.31 -15.96 10.06
N GLU A 109 -1.23 -16.73 11.14
CA GLU A 109 -1.29 -18.22 11.12
C GLU A 109 -2.65 -18.67 10.57
N ARG A 110 -3.73 -18.02 10.98
CA ARG A 110 -5.11 -18.26 10.45
C ARG A 110 -5.08 -18.15 8.91
N LEU A 111 -4.45 -17.09 8.40
CA LEU A 111 -4.44 -16.73 6.96
C LEU A 111 -3.41 -17.57 6.20
N ARG A 112 -2.29 -17.94 6.84
CA ARG A 112 -1.34 -18.95 6.31
C ARG A 112 -2.12 -20.23 5.99
N ALA A 113 -2.81 -20.77 7.00
CA ALA A 113 -3.61 -22.02 6.94
C ALA A 113 -4.69 -21.90 5.86
N LEU A 114 -5.44 -20.79 5.85
CA LEU A 114 -6.53 -20.55 4.86
C LEU A 114 -5.93 -20.56 3.44
N ALA A 115 -4.83 -19.83 3.23
CA ALA A 115 -4.11 -19.76 1.93
C ALA A 115 -3.72 -21.15 1.47
N ARG A 116 -3.21 -22.00 2.37
CA ARG A 116 -2.84 -23.41 2.10
C ARG A 116 -4.11 -24.22 1.78
N GLU A 117 -5.14 -24.08 2.60
CA GLU A 117 -6.45 -24.77 2.41
C GLU A 117 -7.04 -24.36 1.06
N LEU A 118 -7.12 -23.05 0.78
CA LEU A 118 -7.61 -22.47 -0.50
C LEU A 118 -6.85 -23.11 -1.67
N ALA A 119 -5.51 -23.12 -1.60
CA ALA A 119 -4.59 -23.67 -2.62
C ALA A 119 -4.99 -25.12 -2.95
N ALA A 120 -5.20 -25.94 -1.91
CA ALA A 120 -5.61 -27.35 -2.00
C ALA A 120 -7.06 -27.45 -2.49
N GLU A 121 -7.95 -26.64 -1.90
CA GLU A 121 -9.41 -26.62 -2.20
C GLU A 121 -9.63 -26.22 -3.67
N PHE A 122 -8.84 -25.25 -4.17
CA PHE A 122 -8.88 -24.75 -5.57
C PHE A 122 -8.07 -25.67 -6.49
N GLY A 123 -6.97 -26.23 -5.99
CA GLY A 123 -5.99 -27.00 -6.79
C GLY A 123 -5.01 -26.07 -7.48
N ILE A 124 -4.47 -25.09 -6.75
CA ILE A 124 -3.46 -24.10 -7.23
C ILE A 124 -2.26 -24.14 -6.29
N GLU A 125 -1.14 -23.53 -6.69
CA GLU A 125 0.11 -23.44 -5.90
C GLU A 125 0.11 -22.11 -5.15
N VAL A 126 0.60 -22.10 -3.90
CA VAL A 126 0.71 -20.89 -3.04
C VAL A 126 2.15 -20.81 -2.48
N GLU A 127 2.65 -19.60 -2.42
CA GLU A 127 3.94 -19.32 -1.79
C GLU A 127 3.62 -18.36 -0.65
N VAL A 128 3.58 -18.86 0.58
CA VAL A 128 3.28 -18.02 1.77
C VAL A 128 4.57 -17.49 2.36
N ARG A 129 4.98 -16.30 1.96
CA ARG A 129 6.22 -15.69 2.48
C ARG A 129 5.88 -14.98 3.80
N GLY A 130 6.35 -15.54 4.91
CA GLY A 130 6.17 -14.95 6.24
C GLY A 130 7.39 -14.14 6.61
N GLY A 131 7.95 -14.39 7.79
CA GLY A 131 9.17 -13.65 8.19
C GLY A 131 8.98 -12.15 8.14
N GLY A 132 8.04 -11.63 8.93
CA GLY A 132 7.78 -10.18 8.96
C GLY A 132 8.03 -9.59 10.33
N THR A 133 8.87 -10.23 11.14
CA THR A 133 9.16 -9.74 12.51
C THR A 133 10.19 -8.61 12.47
N PRO A 134 10.14 -7.64 13.40
CA PRO A 134 11.11 -6.54 13.44
C PRO A 134 12.56 -7.05 13.59
N GLU A 135 12.75 -8.11 14.39
CA GLU A 135 14.09 -8.71 14.60
C GLU A 135 14.72 -9.05 13.24
N ARG A 136 14.00 -9.81 12.41
CA ARG A 136 14.53 -10.20 11.09
C ARG A 136 14.67 -8.96 10.20
N ALA A 137 13.69 -8.07 10.24
CA ALA A 137 13.70 -6.83 9.42
C ALA A 137 15.01 -6.08 9.65
N LEU A 138 15.48 -5.99 10.91
CA LEU A 138 16.76 -5.31 11.27
C LEU A 138 17.93 -6.02 10.57
N ARG A 139 17.93 -7.36 10.55
CA ARG A 139 19.01 -8.17 9.92
C ARG A 139 18.94 -7.98 8.40
N GLU A 140 17.72 -7.96 7.83
CA GLU A 140 17.50 -7.72 6.38
C GLU A 140 17.98 -6.30 6.01
N ILE A 141 17.68 -5.32 6.87
CA ILE A 141 18.07 -3.88 6.68
C ILE A 141 19.59 -3.77 6.60
N GLN A 142 20.32 -4.40 7.52
CA GLN A 142 21.81 -4.38 7.54
C GLN A 142 22.34 -5.00 6.24
N GLU A 143 21.75 -6.11 5.78
CA GLU A 143 22.12 -6.80 4.52
C GLU A 143 21.95 -5.83 3.35
N LEU A 144 20.84 -5.08 3.30
CA LEU A 144 20.51 -4.11 2.22
C LEU A 144 21.51 -2.95 2.23
N ARG A 145 21.90 -2.47 3.42
CA ARG A 145 22.95 -1.43 3.59
C ARG A 145 24.26 -1.91 2.94
N GLU A 146 24.69 -3.13 3.26
CA GLU A 146 25.95 -3.75 2.75
C GLU A 146 25.86 -3.90 1.22
N LEU A 147 24.67 -4.17 0.69
CA LEU A 147 24.42 -4.32 -0.77
C LEU A 147 24.54 -2.96 -1.48
N GLY A 148 24.33 -1.85 -0.75
CA GLY A 148 24.60 -0.48 -1.23
C GLY A 148 23.46 0.50 -1.00
N ALA A 149 22.44 0.14 -0.23
CA ALA A 149 21.36 1.07 0.20
C ALA A 149 21.95 2.08 1.19
N LYS A 150 21.78 3.38 0.91
CA LYS A 150 22.32 4.49 1.75
C LYS A 150 21.19 5.04 2.63
N ASN A 151 19.98 5.19 2.07
CA ASN A 151 18.77 5.67 2.79
C ASN A 151 17.81 4.50 2.97
N ILE A 152 17.51 4.13 4.22
CA ILE A 152 16.55 3.05 4.55
C ILE A 152 15.37 3.64 5.33
N TRP A 153 14.21 3.73 4.65
CA TRP A 153 12.91 4.13 5.24
C TRP A 153 12.11 2.87 5.54
N VAL A 154 11.41 2.84 6.66
CA VAL A 154 10.58 1.68 7.09
C VAL A 154 9.12 2.14 7.22
N GLU A 155 8.19 1.34 6.72
CA GLU A 155 6.76 1.71 6.57
C GLU A 155 5.86 0.61 7.11
N SER A 156 4.80 1.00 7.84
CA SER A 156 3.74 0.09 8.34
C SER A 156 2.47 0.87 8.67
N ALA A 157 1.32 0.21 8.52
CA ALA A 157 0.01 0.62 9.10
C ALA A 157 -0.02 0.20 10.57
N ASN A 158 0.84 -0.75 10.96
CA ASN A 158 0.94 -1.29 12.34
C ASN A 158 2.04 -0.53 13.09
N VAL A 159 1.67 0.45 13.92
CA VAL A 159 2.62 1.30 14.69
C VAL A 159 3.37 0.42 15.70
N ASP A 160 2.72 -0.64 16.22
CA ASP A 160 3.32 -1.62 17.17
C ASP A 160 4.59 -2.21 16.58
N TRP A 161 4.54 -2.58 15.30
CA TRP A 161 5.68 -3.19 14.55
C TRP A 161 6.84 -2.17 14.45
N LEU A 162 6.51 -0.91 14.15
CA LEU A 162 7.51 0.20 14.05
C LEU A 162 8.13 0.46 15.43
N LEU A 163 7.32 0.44 16.48
CA LEU A 163 7.75 0.70 17.88
C LEU A 163 8.75 -0.37 18.33
N LYS A 164 8.44 -1.65 18.07
CA LYS A 164 9.32 -2.79 18.45
C LYS A 164 10.64 -2.69 17.68
N LEU A 165 10.58 -2.33 16.40
CA LEU A 165 11.79 -2.09 15.55
C LEU A 165 12.64 -0.99 16.18
N LEU A 166 12.01 0.12 16.60
CA LEU A 166 12.67 1.28 17.24
C LEU A 166 13.39 0.83 18.51
N LYS A 167 12.73 -0.01 19.34
CA LYS A 167 13.30 -0.58 20.58
C LYS A 167 14.54 -1.44 20.25
N LEU A 168 14.42 -2.33 19.26
CA LEU A 168 15.46 -3.34 18.90
C LEU A 168 16.61 -2.66 18.15
N SER A 169 16.33 -1.60 17.39
CA SER A 169 17.34 -0.85 16.59
C SER A 169 18.35 -0.17 17.53
N MET B 1 20.62 5.17 10.95
CA MET B 1 19.37 5.93 11.22
C MET B 1 18.33 5.62 10.12
N MET B 2 17.04 5.78 10.44
CA MET B 2 15.91 5.42 9.55
C MET B 2 14.81 6.48 9.66
N THR B 3 13.98 6.59 8.61
CA THR B 3 12.69 7.33 8.62
C THR B 3 11.56 6.31 8.79
N PHE B 4 10.67 6.54 9.77
CA PHE B 4 9.46 5.71 10.05
C PHE B 4 8.26 6.34 9.34
N ILE B 5 7.72 5.66 8.33
CA ILE B 5 6.53 6.10 7.54
C ILE B 5 5.28 5.45 8.14
N VAL B 6 4.39 6.26 8.73
CA VAL B 6 3.04 5.82 9.17
C VAL B 6 2.10 5.86 7.95
N TRP B 7 1.63 4.69 7.53
CA TRP B 7 0.61 4.58 6.45
C TRP B 7 -0.76 4.58 7.13
N ALA B 8 -1.59 5.61 6.89
CA ALA B 8 -2.90 5.68 7.57
C ALA B 8 -4.04 5.93 6.59
N LEU B 9 -5.13 5.14 6.70
CA LEU B 9 -6.33 5.38 5.85
C LEU B 9 -7.34 6.25 6.63
N ASN B 10 -7.10 6.47 7.92
CA ASN B 10 -8.00 7.35 8.72
C ASN B 10 -7.17 8.33 9.56
N LYS B 11 -7.69 9.54 9.75
CA LYS B 11 -6.99 10.64 10.47
C LYS B 11 -6.73 10.27 11.94
N ASP B 12 -7.71 9.68 12.63
CA ASP B 12 -7.56 9.34 14.07
C ASP B 12 -6.42 8.34 14.28
N GLU B 13 -6.34 7.30 13.44
CA GLU B 13 -5.26 6.28 13.56
C GLU B 13 -3.89 6.95 13.34
N MET B 14 -3.82 7.84 12.33
CA MET B 14 -2.54 8.53 11.99
C MET B 14 -2.04 9.38 13.16
N LEU B 15 -2.95 10.13 13.81
CA LEU B 15 -2.56 10.99 14.96
C LEU B 15 -2.05 10.11 16.09
N LYS B 16 -2.84 9.12 16.49
CA LYS B 16 -2.50 8.13 17.54
C LYS B 16 -1.12 7.51 17.24
N ASN B 17 -0.85 7.19 15.96
CA ASN B 17 0.37 6.47 15.52
C ASN B 17 1.59 7.40 15.59
N ILE B 18 1.49 8.64 15.10
CA ILE B 18 2.63 9.62 15.12
C ILE B 18 2.89 10.03 16.56
N GLU B 19 1.84 10.13 17.39
CA GLU B 19 1.93 10.47 18.84
C GLU B 19 2.75 9.38 19.55
N ALA B 20 2.47 8.11 19.26
CA ALA B 20 3.16 6.93 19.83
C ALA B 20 4.65 6.96 19.45
N LEU B 21 4.96 7.24 18.18
CA LEU B 21 6.35 7.29 17.64
C LEU B 21 7.09 8.50 18.23
N ARG B 22 6.38 9.61 18.46
CA ARG B 22 6.94 10.84 19.10
C ARG B 22 7.26 10.55 20.58
N LYS B 23 6.33 9.93 21.31
CA LYS B 23 6.52 9.46 22.70
C LYS B 23 7.72 8.50 22.75
N ALA B 24 7.83 7.61 21.77
CA ALA B 24 8.89 6.57 21.68
C ALA B 24 10.25 7.20 21.32
N GLY B 25 10.24 8.36 20.66
CA GLY B 25 11.43 9.21 20.44
C GLY B 25 12.02 9.06 19.04
N ALA B 26 11.25 8.58 18.08
CA ALA B 26 11.66 8.49 16.65
C ALA B 26 12.00 9.89 16.14
N LYS B 27 13.22 10.07 15.61
CA LYS B 27 13.74 11.38 15.11
C LYS B 27 13.03 11.74 13.79
N ASN B 28 12.93 10.79 12.86
CA ASN B 28 12.42 10.99 11.49
C ASN B 28 11.07 10.27 11.32
N ILE B 29 9.97 11.01 11.45
CA ILE B 29 8.57 10.50 11.32
C ILE B 29 7.96 11.09 10.04
N ALA B 30 7.38 10.21 9.20
CA ALA B 30 6.67 10.58 7.95
C ALA B 30 5.25 10.03 8.01
N VAL B 31 4.33 10.64 7.26
CA VAL B 31 2.93 10.15 7.09
C VAL B 31 2.66 9.97 5.61
N GLU B 32 2.09 8.82 5.25
CA GLU B 32 1.69 8.45 3.87
C GLU B 32 0.17 8.29 3.81
N SER B 33 -0.44 8.86 2.78
CA SER B 33 -1.90 8.75 2.50
C SER B 33 -2.19 9.21 1.07
N GLY B 34 -3.27 8.69 0.48
CA GLY B 34 -3.90 9.24 -0.74
C GLY B 34 -4.89 10.34 -0.39
N ASP B 35 -5.15 10.53 0.90
CA ASP B 35 -6.13 11.51 1.45
C ASP B 35 -5.37 12.77 1.91
N PHE B 36 -5.53 13.88 1.18
CA PHE B 36 -4.80 15.16 1.42
C PHE B 36 -5.25 15.77 2.76
N ASP B 37 -6.47 15.46 3.22
CA ASP B 37 -6.98 15.87 4.56
C ASP B 37 -6.11 15.26 5.66
N ILE B 38 -5.72 13.99 5.50
CA ILE B 38 -4.86 13.26 6.48
C ILE B 38 -3.45 13.86 6.45
N LEU B 39 -2.92 14.15 5.25
CA LEU B 39 -1.56 14.73 5.08
C LEU B 39 -1.52 16.14 5.71
N ARG B 40 -2.58 16.92 5.57
CA ARG B 40 -2.72 18.26 6.21
C ARG B 40 -2.70 18.10 7.74
N ALA B 41 -3.54 17.21 8.27
CA ALA B 41 -3.65 16.92 9.72
C ALA B 41 -2.27 16.55 10.28
N ALA B 42 -1.51 15.72 9.56
CA ALA B 42 -0.14 15.28 9.92
C ALA B 42 0.77 16.51 10.09
N ILE B 43 0.75 17.43 9.12
CA ILE B 43 1.61 18.64 9.08
C ILE B 43 1.21 19.58 10.22
N GLU B 44 -0.09 19.70 10.51
CA GLU B 44 -0.64 20.56 11.61
C GLU B 44 -0.22 19.97 12.97
N ALA B 45 -0.06 18.65 13.06
CA ALA B 45 0.40 17.93 14.25
C ALA B 45 1.94 17.98 14.34
N GLY B 46 2.60 18.50 13.30
CA GLY B 46 4.04 18.84 13.29
C GLY B 46 4.89 17.83 12.54
N VAL B 47 4.29 16.99 11.70
CA VAL B 47 5.03 16.06 10.78
C VAL B 47 5.64 16.90 9.65
N GLU B 48 6.92 16.70 9.36
CA GLU B 48 7.71 17.52 8.40
C GLU B 48 7.96 16.74 7.10
N THR B 49 7.71 15.42 7.09
CA THR B 49 7.92 14.52 5.93
C THR B 49 6.59 13.86 5.56
N ILE B 50 6.19 14.01 4.30
CA ILE B 50 4.87 13.54 3.78
C ILE B 50 5.11 12.70 2.52
N VAL B 51 4.44 11.54 2.44
CA VAL B 51 4.39 10.68 1.22
C VAL B 51 2.99 10.82 0.61
N VAL B 52 2.91 11.41 -0.58
CA VAL B 52 1.66 11.50 -1.37
C VAL B 52 1.52 10.19 -2.16
N SER B 53 0.66 9.29 -1.70
CA SER B 53 0.19 8.09 -2.44
C SER B 53 -0.84 8.54 -3.48
N GLY B 54 -0.38 8.97 -4.66
CA GLY B 54 -1.20 9.69 -5.64
C GLY B 54 -1.90 8.77 -6.62
N GLY B 55 -2.84 9.32 -7.40
CA GLY B 55 -3.53 8.64 -8.51
C GLY B 55 -4.69 7.80 -8.02
N GLY B 56 -5.55 7.37 -8.95
CA GLY B 56 -6.66 6.43 -8.70
C GLY B 56 -7.69 7.00 -7.74
N LEU B 57 -8.34 6.10 -6.98
CA LEU B 57 -9.59 6.38 -6.22
C LEU B 57 -9.46 5.86 -4.78
N THR B 58 -10.12 6.51 -3.83
CA THR B 58 -10.48 5.96 -2.50
C THR B 58 -12.00 5.86 -2.42
N ILE B 59 -12.54 4.65 -2.50
CA ILE B 59 -13.99 4.35 -2.41
C ILE B 59 -14.28 3.84 -0.99
N VAL B 60 -15.18 4.54 -0.28
CA VAL B 60 -15.53 4.24 1.15
C VAL B 60 -17.01 3.86 1.21
N PHE B 61 -17.29 2.58 1.44
CA PHE B 61 -18.64 2.03 1.74
C PHE B 61 -18.90 2.14 3.24
N THR B 62 -19.99 2.77 3.65
CA THR B 62 -20.40 2.93 5.07
C THR B 62 -21.79 2.30 5.28
N GLY B 63 -21.95 1.56 6.39
CA GLY B 63 -23.19 0.84 6.74
C GLY B 63 -22.97 -0.07 7.93
N ALA B 64 -24.04 -0.35 8.68
CA ALA B 64 -24.04 -1.16 9.93
C ALA B 64 -23.79 -2.64 9.59
N ASP B 65 -24.19 -3.09 8.39
CA ASP B 65 -24.05 -4.49 7.92
C ASP B 65 -22.67 -4.67 7.27
N ARG B 66 -21.73 -5.29 8.00
CA ARG B 66 -20.33 -5.54 7.54
C ARG B 66 -20.32 -6.59 6.42
N ALA B 67 -21.27 -7.54 6.43
CA ALA B 67 -21.44 -8.55 5.38
C ALA B 67 -21.74 -7.86 4.04
N ALA B 68 -22.64 -6.87 4.06
CA ALA B 68 -23.04 -6.04 2.89
C ALA B 68 -21.84 -5.22 2.39
N LEU B 69 -21.03 -4.68 3.32
CA LEU B 69 -19.79 -3.91 3.01
C LEU B 69 -18.80 -4.81 2.27
N ARG B 70 -18.48 -5.97 2.86
CA ARG B 70 -17.50 -6.95 2.33
C ARG B 70 -17.97 -7.45 0.95
N ARG B 71 -19.27 -7.70 0.79
CA ARG B 71 -19.88 -8.19 -0.48
C ARG B 71 -19.65 -7.15 -1.58
N ALA B 72 -19.97 -5.88 -1.31
CA ALA B 72 -19.76 -4.73 -2.22
C ALA B 72 -18.27 -4.60 -2.57
N ALA B 73 -17.40 -4.70 -1.55
CA ALA B 73 -15.92 -4.57 -1.68
C ALA B 73 -15.36 -5.68 -2.57
N LYS B 74 -15.80 -6.93 -2.35
CA LYS B 74 -15.36 -8.12 -3.11
C LYS B 74 -15.72 -7.95 -4.60
N ARG B 75 -16.90 -7.41 -4.89
CA ARG B 75 -17.40 -7.16 -6.27
C ARG B 75 -16.53 -6.08 -6.94
N LEU B 76 -16.28 -4.98 -6.23
CA LEU B 76 -15.44 -3.84 -6.69
C LEU B 76 -14.00 -4.34 -6.92
N LEU B 77 -13.46 -5.10 -5.96
CA LEU B 77 -12.11 -5.72 -6.04
C LEU B 77 -11.99 -6.52 -7.33
N ASP B 78 -12.99 -7.36 -7.61
CA ASP B 78 -13.04 -8.26 -8.80
C ASP B 78 -12.97 -7.43 -10.08
N ALA B 79 -13.77 -6.36 -10.16
CA ALA B 79 -13.84 -5.44 -11.33
C ALA B 79 -12.50 -4.73 -11.52
N ALA B 80 -11.94 -4.19 -10.43
CA ALA B 80 -10.67 -3.42 -10.41
C ALA B 80 -9.50 -4.31 -10.85
N LEU B 81 -9.37 -5.51 -10.27
CA LEU B 81 -8.27 -6.47 -10.55
C LEU B 81 -8.27 -6.86 -12.03
N GLU B 82 -9.46 -7.04 -12.62
CA GLU B 82 -9.64 -7.43 -14.04
C GLU B 82 -9.04 -6.34 -14.96
N LEU B 83 -9.08 -5.08 -14.54
CA LEU B 83 -8.53 -3.91 -15.28
C LEU B 83 -7.03 -3.74 -14.97
N GLY B 84 -6.49 -4.55 -14.06
CA GLY B 84 -5.05 -4.61 -13.73
C GLY B 84 -4.67 -3.66 -12.59
N ALA B 85 -5.66 -3.25 -11.79
CA ALA B 85 -5.47 -2.31 -10.66
C ALA B 85 -4.71 -2.98 -9.51
N VAL B 86 -4.00 -2.19 -8.71
CA VAL B 86 -3.54 -2.54 -7.34
C VAL B 86 -4.62 -2.05 -6.38
N VAL B 87 -5.17 -2.93 -5.54
CA VAL B 87 -6.32 -2.65 -4.64
C VAL B 87 -5.88 -2.88 -3.20
N THR B 88 -6.02 -1.86 -2.34
CA THR B 88 -5.77 -1.94 -0.88
C THR B 88 -7.11 -1.77 -0.16
N VAL B 89 -7.46 -2.71 0.72
CA VAL B 89 -8.77 -2.75 1.44
C VAL B 89 -8.50 -2.79 2.95
N ALA B 90 -9.26 -1.99 3.71
CA ALA B 90 -9.21 -1.94 5.19
C ALA B 90 -10.64 -1.72 5.72
N LEU B 91 -11.09 -2.62 6.61
CA LEU B 91 -12.42 -2.57 7.26
C LEU B 91 -12.25 -1.86 8.62
N ASP B 92 -12.78 -0.64 8.74
CA ASP B 92 -12.57 0.29 9.88
C ASP B 92 -13.92 0.75 10.43
N GLY B 93 -14.38 0.13 11.52
CA GLY B 93 -15.69 0.41 12.15
C GLY B 93 -16.84 0.00 11.24
N ASP B 94 -17.65 0.97 10.81
CA ASP B 94 -18.79 0.77 9.88
C ASP B 94 -18.39 1.21 8.47
N ALA B 95 -17.12 1.53 8.25
CA ALA B 95 -16.55 2.01 6.96
C ALA B 95 -15.58 0.96 6.39
N LEU B 96 -15.78 0.57 5.13
CA LEU B 96 -14.82 -0.25 4.35
C LEU B 96 -14.19 0.64 3.27
N ARG B 97 -12.88 0.88 3.38
CA ARG B 97 -12.11 1.78 2.48
C ARG B 97 -11.38 0.94 1.44
N VAL B 98 -11.60 1.25 0.15
CA VAL B 98 -10.98 0.56 -1.01
C VAL B 98 -10.15 1.59 -1.78
N ARG B 99 -8.82 1.45 -1.74
CA ARG B 99 -7.86 2.28 -2.50
C ARG B 99 -7.57 1.56 -3.83
N ILE B 100 -7.86 2.22 -4.96
CA ILE B 100 -7.68 1.66 -6.33
C ILE B 100 -6.68 2.55 -7.09
N THR B 101 -5.60 1.97 -7.61
CA THR B 101 -4.55 2.68 -8.40
C THR B 101 -4.14 1.81 -9.59
N GLY B 102 -3.61 2.44 -10.65
CA GLY B 102 -2.98 1.76 -11.79
C GLY B 102 -3.99 1.34 -12.85
N VAL B 103 -5.05 2.14 -13.06
CA VAL B 103 -6.01 1.98 -14.18
C VAL B 103 -6.23 3.36 -14.80
N PRO B 104 -6.58 3.43 -16.12
CA PRO B 104 -6.73 4.72 -16.78
C PRO B 104 -8.00 5.46 -16.33
N GLU B 105 -8.05 6.78 -16.57
CA GLU B 105 -9.15 7.67 -16.09
C GLU B 105 -10.50 7.15 -16.59
N GLN B 106 -10.55 6.66 -17.84
CA GLN B 106 -11.75 6.04 -18.46
C GLN B 106 -12.25 4.87 -17.61
N ASP B 107 -11.32 4.06 -17.07
CA ASP B 107 -11.64 2.85 -16.26
C ASP B 107 -12.11 3.27 -14.85
N LEU B 108 -11.53 4.36 -14.30
CA LEU B 108 -11.89 4.88 -12.95
C LEU B 108 -13.35 5.37 -12.95
N GLU B 109 -13.79 6.03 -14.02
CA GLU B 109 -15.17 6.51 -14.22
C GLU B 109 -16.13 5.31 -14.24
N ARG B 110 -15.67 4.17 -14.76
CA ARG B 110 -16.40 2.87 -14.82
C ARG B 110 -16.55 2.31 -13.39
N LEU B 111 -15.47 2.35 -12.61
CA LEU B 111 -15.45 1.85 -11.21
C LEU B 111 -16.23 2.81 -10.30
N ARG B 112 -16.22 4.11 -10.61
CA ARG B 112 -17.07 5.14 -9.95
C ARG B 112 -18.54 4.73 -10.08
N ALA B 113 -18.98 4.50 -11.33
CA ALA B 113 -20.36 4.09 -11.69
C ALA B 113 -20.71 2.78 -10.98
N LEU B 114 -19.80 1.79 -11.02
CA LEU B 114 -19.99 0.45 -10.41
C LEU B 114 -20.17 0.60 -8.90
N ALA B 115 -19.37 1.45 -8.25
CA ALA B 115 -19.43 1.75 -6.80
C ALA B 115 -20.83 2.26 -6.44
N ARG B 116 -21.41 3.13 -7.28
CA ARG B 116 -22.77 3.70 -7.11
C ARG B 116 -23.82 2.57 -7.26
N GLU B 117 -23.65 1.71 -8.25
CA GLU B 117 -24.55 0.55 -8.53
C GLU B 117 -24.54 -0.42 -7.34
N LEU B 118 -23.35 -0.78 -6.87
CA LEU B 118 -23.14 -1.75 -5.75
C LEU B 118 -23.73 -1.18 -4.45
N ALA B 119 -23.62 0.13 -4.24
CA ALA B 119 -24.15 0.84 -3.05
C ALA B 119 -25.67 0.66 -2.95
N ALA B 120 -26.36 0.75 -4.08
CA ALA B 120 -27.84 0.61 -4.20
C ALA B 120 -28.26 -0.85 -3.96
N GLU B 121 -27.58 -1.79 -4.61
CA GLU B 121 -27.88 -3.24 -4.55
C GLU B 121 -27.88 -3.72 -3.08
N PHE B 122 -26.82 -3.38 -2.33
CA PHE B 122 -26.57 -3.87 -0.95
C PHE B 122 -27.10 -2.87 0.09
N GLY B 123 -27.71 -1.78 -0.36
CA GLY B 123 -28.41 -0.79 0.50
C GLY B 123 -27.46 -0.13 1.49
N ILE B 124 -26.32 0.37 0.99
CA ILE B 124 -25.24 1.01 1.80
C ILE B 124 -24.89 2.36 1.17
N GLU B 125 -24.20 3.22 1.91
CA GLU B 125 -23.70 4.53 1.43
C GLU B 125 -22.30 4.34 0.83
N VAL B 126 -21.99 5.05 -0.24
CA VAL B 126 -20.64 5.01 -0.85
C VAL B 126 -20.19 6.43 -1.17
N GLU B 127 -18.97 6.77 -0.77
CA GLU B 127 -18.42 8.07 -1.20
C GLU B 127 -17.09 7.82 -1.90
N VAL B 128 -16.88 8.51 -3.00
CA VAL B 128 -15.64 8.33 -3.78
C VAL B 128 -14.86 9.63 -3.73
N ARG B 129 -13.78 9.66 -2.95
CA ARG B 129 -12.85 10.81 -2.92
C ARG B 129 -11.70 10.26 -3.73
N GLY B 130 -11.75 10.48 -5.03
CA GLY B 130 -10.75 9.83 -5.89
C GLY B 130 -9.77 10.81 -6.44
N GLY B 131 -10.03 11.24 -7.67
CA GLY B 131 -9.14 12.20 -8.35
C GLY B 131 -7.76 11.60 -8.49
N GLY B 132 -6.81 12.23 -7.81
CA GLY B 132 -5.41 11.78 -7.86
C GLY B 132 -4.74 12.21 -9.15
N THR B 133 -5.30 13.15 -9.92
CA THR B 133 -4.60 13.56 -11.17
C THR B 133 -3.27 14.24 -10.84
N PRO B 134 -2.27 14.11 -11.72
CA PRO B 134 -0.98 14.72 -11.49
C PRO B 134 -1.12 16.23 -11.25
N GLU B 135 -2.06 16.87 -11.93
CA GLU B 135 -2.29 18.34 -11.82
C GLU B 135 -2.75 18.68 -10.40
N ARG B 136 -3.72 17.92 -9.88
CA ARG B 136 -4.27 18.10 -8.51
C ARG B 136 -3.16 17.86 -7.48
N ALA B 137 -2.40 16.78 -7.64
CA ALA B 137 -1.25 16.42 -6.78
C ALA B 137 -0.27 17.60 -6.72
N LEU B 138 0.05 18.20 -7.87
CA LEU B 138 0.99 19.35 -8.00
C LEU B 138 0.45 20.53 -7.19
N ARG B 139 -0.87 20.78 -7.24
CA ARG B 139 -1.54 21.88 -6.51
C ARG B 139 -1.51 21.61 -5.00
N GLU B 140 -1.93 20.42 -4.57
CA GLU B 140 -2.04 20.05 -3.14
C GLU B 140 -0.64 19.93 -2.51
N ILE B 141 0.37 19.52 -3.29
CA ILE B 141 1.79 19.43 -2.85
C ILE B 141 2.28 20.84 -2.44
N GLN B 142 1.97 21.85 -3.25
CA GLN B 142 2.33 23.27 -2.95
C GLN B 142 1.68 23.69 -1.63
N GLU B 143 0.41 23.34 -1.43
CA GLU B 143 -0.37 23.65 -0.20
C GLU B 143 0.30 22.99 1.01
N LEU B 144 0.73 21.73 0.89
CA LEU B 144 1.39 20.98 1.99
C LEU B 144 2.71 21.66 2.36
N ARG B 145 3.47 22.13 1.37
CA ARG B 145 4.73 22.91 1.55
C ARG B 145 4.43 24.17 2.38
N GLU B 146 3.40 24.93 1.99
CA GLU B 146 3.02 26.21 2.65
C GLU B 146 2.50 25.95 4.06
N LEU B 147 1.89 24.79 4.31
CA LEU B 147 1.38 24.37 5.64
C LEU B 147 2.56 23.99 6.56
N GLY B 148 3.71 23.62 5.99
CA GLY B 148 4.96 23.41 6.73
C GLY B 148 5.69 22.12 6.39
N ALA B 149 5.23 21.35 5.39
CA ALA B 149 5.92 20.15 4.88
C ALA B 149 7.29 20.55 4.34
N LYS B 150 8.37 19.93 4.86
CA LYS B 150 9.77 20.22 4.46
C LYS B 150 10.21 19.21 3.40
N ASN B 151 9.86 17.94 3.57
CA ASN B 151 10.18 16.84 2.63
C ASN B 151 8.88 16.29 2.06
N ILE B 152 8.73 16.32 0.73
CA ILE B 152 7.56 15.73 0.00
C ILE B 152 8.07 14.62 -0.89
N TRP B 153 7.65 13.38 -0.60
CA TRP B 153 7.90 12.18 -1.43
C TRP B 153 6.56 11.79 -2.09
N VAL B 154 6.62 11.25 -3.30
CA VAL B 154 5.42 10.80 -4.06
C VAL B 154 5.59 9.33 -4.41
N GLU B 155 4.51 8.56 -4.29
CA GLU B 155 4.53 7.07 -4.40
C GLU B 155 3.38 6.60 -5.29
N SER B 156 3.64 5.58 -6.12
CA SER B 156 2.62 4.84 -6.90
C SER B 156 3.18 3.51 -7.37
N ALA B 157 2.28 2.53 -7.58
CA ALA B 157 2.52 1.29 -8.34
C ALA B 157 2.48 1.60 -9.85
N ASN B 158 1.84 2.72 -10.21
CA ASN B 158 1.63 3.18 -11.61
C ASN B 158 2.72 4.18 -11.99
N VAL B 159 3.74 3.74 -12.73
CA VAL B 159 4.91 4.56 -13.14
C VAL B 159 4.46 5.72 -14.03
N ASP B 160 3.42 5.51 -14.86
CA ASP B 160 2.88 6.53 -15.79
C ASP B 160 2.41 7.74 -15.01
N TRP B 161 1.76 7.52 -13.86
CA TRP B 161 1.29 8.59 -12.96
C TRP B 161 2.50 9.36 -12.39
N LEU B 162 3.55 8.64 -11.98
CA LEU B 162 4.82 9.25 -11.50
C LEU B 162 5.48 10.04 -12.64
N LEU B 163 5.46 9.50 -13.86
CA LEU B 163 6.07 10.12 -15.07
C LEU B 163 5.32 11.41 -15.43
N LYS B 164 3.98 11.40 -15.33
CA LYS B 164 3.14 12.59 -15.60
C LYS B 164 3.46 13.68 -14.56
N LEU B 165 3.54 13.32 -13.29
CA LEU B 165 3.84 14.27 -12.18
C LEU B 165 5.28 14.77 -12.30
N LEU B 166 6.22 13.88 -12.62
CA LEU B 166 7.64 14.23 -12.93
C LEU B 166 7.65 15.31 -14.02
N LYS B 167 6.88 15.09 -15.09
CA LYS B 167 6.75 16.03 -16.25
C LYS B 167 6.22 17.38 -15.76
N LEU B 168 5.20 17.38 -14.88
CA LEU B 168 4.51 18.61 -14.40
C LEU B 168 5.38 19.37 -13.38
N SER B 169 6.16 18.64 -12.56
CA SER B 169 6.92 19.20 -11.41
C SER B 169 8.06 20.12 -11.90
#